data_2Y2P
#
_entry.id   2Y2P
#
_cell.length_a   97.670
_cell.length_b   149.506
_cell.length_c   98.688
_cell.angle_alpha   90.00
_cell.angle_beta   90.00
_cell.angle_gamma   90.00
#
_symmetry.space_group_name_H-M   'C 2 2 21'
#
loop_
_entity.id
_entity.type
_entity.pdbx_description
1 polymer 'PENICILLIN-BINDING PROTEIN 1B'
2 non-polymer [(1S)-1-[(2-fluoro-6-phenyl-phenyl)carbonylamino]ethyl]-trihydroxy-boron
3 non-polymer 'CHLORIDE ION'
4 non-polymer 'SODIUM ION'
5 water water
#
_entity_poly.entity_id   1
_entity_poly.type   'polypeptide(L)'
_entity_poly.pdbx_seq_one_letter_code
;DISSISEITYSDGTVIASIESDLLRQDFLPSGTVTGISRDYLYFTTLAEAQERMYDYLAQRDNVSAKELKNEATQKFYRD
LAAKEIENGGYKITTTIDQKIHSAMQSAVADYGYLLDDGTGRVEVGNVLMDNQTGAILGFVGGRNYQENQNNHAFDTKRS
PASTTKPLLAYGIAIDQGLMGSETILSNYPTNFANGNPIMYANSKGTGMMTLGEALNYSWNIPAYWTYRMLRENGVDVKG
YMEKMGYEIPEYGIESLPMGGGIEVTVAQHTNGYQTLANNGVYHQKHVISKIEAADGRVVYEYQDKPVQVYSKATATIMQ
GLLREVLSSRVTTTFKSNLTSLNPTLANADWIGKTGTTGQDENMWLMLSTPRLTLGGWIGHDDNHSLSQQAGYSNNSNYM
AHLVNAIQQASPSIWGNERFALDPSVVKSEVLKSTGQKPGKVSVEGKEVEVTGSTVTSYWANKSGAPATSYRFAIGGSDA
DYQNAWSSIVGSLP
;
_entity_poly.pdbx_strand_id   A
#
# COMPACT_ATOMS: atom_id res chain seq x y z
N ILE A 5 0.32 4.85 39.63
CA ILE A 5 0.40 5.67 38.37
C ILE A 5 0.45 4.79 37.11
N SER A 6 -0.48 5.01 36.18
CA SER A 6 -0.43 4.27 34.91
C SER A 6 0.67 4.84 34.02
N GLU A 7 1.25 3.99 33.19
CA GLU A 7 2.33 4.37 32.27
C GLU A 7 2.16 3.76 30.89
N ILE A 8 2.49 4.55 29.87
CA ILE A 8 2.63 4.04 28.53
C ILE A 8 4.12 3.89 28.22
N THR A 9 4.49 2.71 27.71
CA THR A 9 5.90 2.44 27.43
C THR A 9 6.21 2.12 25.95
N TYR A 10 7.47 2.32 25.61
CA TYR A 10 8.04 1.81 24.36
C TYR A 10 8.13 0.28 24.44
N SER A 11 8.42 -0.34 23.31
CA SER A 11 8.48 -1.81 23.22
CA SER A 11 8.55 -1.81 23.16
C SER A 11 9.48 -2.43 24.18
N ASP A 12 10.54 -1.71 24.50
CA ASP A 12 11.56 -2.29 25.37
C ASP A 12 11.31 -1.97 26.82
N GLY A 13 10.27 -1.19 27.12
CA GLY A 13 9.86 -1.02 28.53
C GLY A 13 10.16 0.37 29.06
N THR A 14 10.90 1.17 28.30
CA THR A 14 11.16 2.56 28.71
C THR A 14 9.86 3.35 28.76
N VAL A 15 9.64 4.12 29.82
CA VAL A 15 8.38 4.86 29.96
C VAL A 15 8.28 6.01 28.94
N ILE A 16 7.23 6.05 28.13
CA ILE A 16 6.93 7.23 27.30
C ILE A 16 6.36 8.34 28.19
N ALA A 17 5.35 8.01 29.02
CA ALA A 17 4.73 9.01 29.91
C ALA A 17 3.84 8.33 30.95
N SER A 18 3.64 9.01 32.08
CA SER A 18 2.56 8.67 33.02
C SER A 18 1.18 9.20 32.57
N ILE A 19 0.11 8.60 33.08
CA ILE A 19 -1.23 9.07 32.76
C ILE A 19 -2.01 9.40 34.03
N ASP A 40 2.11 15.44 22.42
CA ASP A 40 2.44 15.03 21.07
C ASP A 40 1.66 13.83 20.55
N TYR A 41 1.85 13.50 19.27
CA TYR A 41 1.04 12.46 18.60
C TYR A 41 1.18 11.09 19.25
N LEU A 42 2.39 10.80 19.74
CA LEU A 42 2.60 9.45 20.28
C LEU A 42 1.79 9.22 21.55
N TYR A 43 1.80 10.19 22.47
CA TYR A 43 0.97 10.12 23.68
C TYR A 43 -0.54 9.87 23.36
N PHE A 44 -1.13 10.73 22.54
CA PHE A 44 -2.55 10.70 22.30
C PHE A 44 -2.99 9.50 21.47
N THR A 45 -2.15 9.07 20.53
CA THR A 45 -2.50 7.94 19.65
C THR A 45 -2.54 6.67 20.48
N THR A 46 -1.50 6.46 21.28
CA THR A 46 -1.41 5.23 22.06
C THR A 46 -2.41 5.27 23.22
N LEU A 47 -2.55 6.43 23.86
CA LEU A 47 -3.60 6.56 24.88
C LEU A 47 -4.99 6.27 24.31
N ALA A 48 -5.30 6.83 23.14
CA ALA A 48 -6.63 6.55 22.54
C ALA A 48 -6.87 5.05 22.31
N GLU A 49 -5.88 4.36 21.76
CA GLU A 49 -6.02 2.93 21.46
C GLU A 49 -6.14 2.12 22.75
N ALA A 50 -5.36 2.49 23.76
CA ALA A 50 -5.44 1.81 25.05
C ALA A 50 -6.85 2.00 25.69
N GLN A 51 -7.44 3.17 25.47
CA GLN A 51 -8.76 3.46 26.05
C GLN A 51 -9.83 2.59 25.40
N GLU A 52 -9.73 2.38 24.09
CA GLU A 52 -10.56 1.39 23.41
C GLU A 52 -10.43 -0.04 23.90
N ARG A 53 -9.20 -0.50 24.10
CA ARG A 53 -9.00 -1.86 24.62
C ARG A 53 -9.59 -1.94 26.04
N MET A 54 -9.41 -0.87 26.80
CA MET A 54 -9.88 -0.89 28.19
C MET A 54 -11.42 -0.93 28.21
N TYR A 55 -12.03 -0.24 27.26
CA TYR A 55 -13.48 -0.23 27.06
C TYR A 55 -14.03 -1.64 26.82
N ASP A 56 -13.42 -2.38 25.89
CA ASP A 56 -13.86 -3.77 25.63
C ASP A 56 -13.69 -4.63 26.87
N TYR A 57 -12.60 -4.42 27.59
CA TYR A 57 -12.34 -5.29 28.73
C TYR A 57 -13.31 -5.01 29.90
N LEU A 58 -13.61 -3.74 30.14
CA LEU A 58 -14.51 -3.40 31.28
C LEU A 58 -15.95 -3.83 30.97
N ALA A 59 -16.36 -3.68 29.71
CA ALA A 59 -17.67 -4.15 29.30
C ALA A 59 -17.86 -5.63 29.57
N GLN A 60 -16.88 -6.45 29.15
CA GLN A 60 -16.95 -7.91 29.28
C GLN A 60 -16.83 -8.28 30.76
N ARG A 61 -15.95 -7.61 31.48
CA ARG A 61 -15.84 -7.80 32.95
C ARG A 61 -17.18 -7.67 33.65
N ASP A 62 -17.91 -6.60 33.30
CA ASP A 62 -19.19 -6.30 33.93
C ASP A 62 -20.35 -7.05 33.26
N ASN A 63 -20.04 -8.01 32.38
CA ASN A 63 -21.07 -8.83 31.77
C ASN A 63 -22.10 -7.97 31.00
N VAL A 64 -21.66 -6.89 30.37
CA VAL A 64 -22.56 -6.09 29.52
C VAL A 64 -22.60 -6.72 28.12
N SER A 65 -23.78 -7.05 27.60
CA SER A 65 -23.89 -7.66 26.24
C SER A 65 -23.68 -6.63 25.13
N ALA A 66 -23.34 -7.12 23.93
CA ALA A 66 -23.13 -6.22 22.79
C ALA A 66 -24.46 -5.53 22.45
N LYS A 67 -25.55 -6.18 22.84
CA LYS A 67 -26.88 -5.61 22.76
C LYS A 67 -26.97 -4.35 23.59
N GLU A 68 -26.85 -4.51 24.90
CA GLU A 68 -26.81 -3.36 25.84
C GLU A 68 -25.80 -2.28 25.45
N LEU A 69 -24.70 -2.66 24.80
CA LEU A 69 -23.70 -1.68 24.35
C LEU A 69 -24.17 -0.85 23.17
N LYS A 70 -25.27 -1.24 22.55
CA LYS A 70 -25.91 -0.39 21.56
C LYS A 70 -26.63 0.82 22.18
N ASN A 71 -27.03 0.71 23.45
CA ASN A 71 -27.55 1.88 24.15
C ASN A 71 -26.51 2.99 24.22
N GLU A 72 -26.85 4.15 23.68
CA GLU A 72 -25.95 5.31 23.69
C GLU A 72 -25.50 5.77 25.09
N ALA A 73 -26.42 5.88 26.04
CA ALA A 73 -26.04 6.23 27.42
C ALA A 73 -25.08 5.22 28.04
N THR A 74 -25.40 3.93 27.93
CA THR A 74 -24.49 2.87 28.40
C THR A 74 -23.11 2.97 27.77
N GLN A 75 -23.08 3.18 26.46
CA GLN A 75 -21.82 3.29 25.80
C GLN A 75 -20.95 4.45 26.36
N LYS A 76 -21.58 5.62 26.47
CA LYS A 76 -20.93 6.82 26.95
C LYS A 76 -20.30 6.62 28.35
N PHE A 77 -21.06 5.99 29.26
CA PHE A 77 -20.57 5.63 30.59
C PHE A 77 -19.31 4.74 30.51
N TYR A 78 -19.38 3.67 29.72
CA TYR A 78 -18.24 2.77 29.57
C TYR A 78 -16.99 3.41 28.96
N ARG A 79 -17.18 4.25 27.96
CA ARG A 79 -16.06 5.05 27.43
C ARG A 79 -15.39 5.94 28.50
N ASP A 80 -16.22 6.62 29.28
CA ASP A 80 -15.70 7.49 30.35
C ASP A 80 -15.01 6.64 31.41
N LEU A 81 -15.65 5.51 31.76
CA LEU A 81 -15.09 4.59 32.74
C LEU A 81 -13.69 4.10 32.34
N ALA A 82 -13.53 3.75 31.06
CA ALA A 82 -12.25 3.33 30.50
C ALA A 82 -11.17 4.39 30.63
N ALA A 83 -11.52 5.63 30.28
CA ALA A 83 -10.59 6.72 30.42
C ALA A 83 -10.15 6.93 31.89
N LYS A 84 -11.11 6.93 32.82
CA LYS A 84 -10.77 7.14 34.24
C LYS A 84 -9.96 6.00 34.85
N GLU A 85 -10.30 4.79 34.44
CA GLU A 85 -9.60 3.58 34.89
C GLU A 85 -8.09 3.63 34.62
N ILE A 86 -7.72 3.97 33.39
CA ILE A 86 -6.33 4.25 33.07
C ILE A 86 -5.76 5.40 33.90
N GLU A 87 -6.43 6.55 33.87
CA GLU A 87 -6.03 7.71 34.70
C GLU A 87 -5.70 7.36 36.13
N ASN A 88 -6.56 6.58 36.79
CA ASN A 88 -6.47 6.37 38.22
C ASN A 88 -5.93 5.01 38.65
N GLY A 89 -5.99 4.03 37.74
CA GLY A 89 -5.39 2.73 37.99
C GLY A 89 -3.85 2.81 37.99
N GLY A 90 -3.21 1.65 38.03
CA GLY A 90 -1.76 1.61 37.83
C GLY A 90 -1.36 0.66 36.71
N TYR A 91 -2.03 0.79 35.56
CA TYR A 91 -1.77 -0.07 34.43
C TYR A 91 -0.44 0.20 33.71
N LYS A 92 0.11 -0.85 33.12
CA LYS A 92 1.27 -0.72 32.28
C LYS A 92 0.83 -1.05 30.86
N ILE A 93 0.85 -0.05 29.99
CA ILE A 93 0.50 -0.20 28.59
C ILE A 93 1.79 -0.32 27.75
N THR A 94 2.07 -1.52 27.26
CA THR A 94 3.22 -1.77 26.36
C THR A 94 2.83 -1.51 24.91
N THR A 95 3.56 -0.60 24.30
CA THR A 95 3.32 -0.29 22.87
C THR A 95 4.34 -1.04 22.00
N THR A 96 4.08 -1.07 20.69
CA THR A 96 5.00 -1.64 19.71
C THR A 96 6.09 -0.64 19.27
N ILE A 97 6.05 0.56 19.82
CA ILE A 97 6.87 1.67 19.29
C ILE A 97 8.34 1.55 19.73
N ASP A 98 9.25 1.65 18.77
CA ASP A 98 10.70 1.51 19.03
C ASP A 98 11.22 2.91 19.35
N GLN A 99 11.71 3.15 20.57
CA GLN A 99 12.06 4.53 20.98
C GLN A 99 13.06 5.22 20.03
N LYS A 100 14.14 4.54 19.69
CA LYS A 100 15.17 5.18 18.87
C LYS A 100 14.67 5.47 17.46
N ILE A 101 13.92 4.54 16.89
CA ILE A 101 13.42 4.74 15.52
C ILE A 101 12.35 5.84 15.46
N HIS A 102 11.39 5.78 16.37
CA HIS A 102 10.33 6.81 16.38
C HIS A 102 10.91 8.20 16.65
N SER A 103 11.83 8.30 17.61
CA SER A 103 12.52 9.55 17.87
C SER A 103 13.35 10.07 16.64
N ALA A 104 13.99 9.16 15.89
CA ALA A 104 14.63 9.48 14.62
C ALA A 104 13.66 10.01 13.57
N MET A 105 12.48 9.39 13.48
CA MET A 105 11.47 9.89 12.53
C MET A 105 10.99 11.30 12.86
N GLN A 106 10.86 11.60 14.15
CA GLN A 106 10.45 12.95 14.60
C GLN A 106 11.48 13.98 14.18
N SER A 107 12.74 13.68 14.45
CA SER A 107 13.81 14.62 14.08
C SER A 107 13.94 14.77 12.57
N ALA A 108 13.60 13.71 11.83
CA ALA A 108 13.68 13.81 10.38
C ALA A 108 12.62 14.75 9.86
N VAL A 109 11.39 14.62 10.36
CA VAL A 109 10.34 15.53 9.89
C VAL A 109 10.57 16.98 10.35
N ALA A 110 11.12 17.14 11.56
CA ALA A 110 11.54 18.44 12.05
C ALA A 110 12.60 19.07 11.15
N ASP A 111 13.61 18.31 10.76
CA ASP A 111 14.75 18.86 10.01
C ASP A 111 14.49 18.97 8.51
N TYR A 112 13.71 18.04 7.97
CA TYR A 112 13.59 17.88 6.51
C TYR A 112 12.16 18.04 5.96
N GLY A 113 11.22 18.30 6.86
CA GLY A 113 9.83 18.48 6.46
C GLY A 113 9.69 19.65 5.49
N TYR A 114 10.53 20.68 5.62
CA TYR A 114 10.51 21.82 4.71
C TYR A 114 10.73 21.45 3.23
N LEU A 115 11.33 20.29 2.97
CA LEU A 115 11.58 19.83 1.59
C LEU A 115 10.26 19.55 0.85
N LEU A 116 9.18 19.38 1.62
CA LEU A 116 7.86 19.10 1.04
C LEU A 116 7.20 20.36 0.47
N ASP A 117 7.55 21.52 1.04
CA ASP A 117 6.92 22.77 0.65
C ASP A 117 7.25 23.11 -0.82
N ASP A 118 6.22 23.21 -1.66
CA ASP A 118 6.39 23.21 -3.13
C ASP A 118 5.77 24.45 -3.76
N GLY A 119 5.59 25.51 -2.99
CA GLY A 119 4.90 26.71 -3.47
C GLY A 119 3.37 26.64 -3.55
N THR A 120 2.75 25.66 -2.90
CA THR A 120 1.28 25.71 -2.75
C THR A 120 0.83 25.86 -1.27
N GLY A 121 1.68 26.50 -0.47
CA GLY A 121 1.42 26.65 0.96
C GLY A 121 2.11 25.55 1.72
N ARG A 122 2.11 25.64 3.05
CA ARG A 122 2.63 24.53 3.90
C ARG A 122 1.99 23.18 3.56
N VAL A 123 2.82 22.17 3.36
CA VAL A 123 2.36 20.84 2.95
C VAL A 123 2.27 19.93 4.20
N GLU A 124 1.15 19.24 4.39
CA GLU A 124 1.09 18.27 5.49
C GLU A 124 1.51 16.84 5.12
N VAL A 125 1.82 16.02 6.13
CA VAL A 125 2.47 14.74 5.88
C VAL A 125 2.04 13.70 6.93
N GLY A 126 2.01 12.44 6.53
CA GLY A 126 1.90 11.35 7.47
C GLY A 126 2.67 10.14 6.98
N ASN A 127 3.28 9.43 7.92
CA ASN A 127 4.04 8.21 7.60
C ASN A 127 3.83 7.13 8.67
N VAL A 128 3.87 5.87 8.25
CA VAL A 128 3.77 4.73 9.22
C VAL A 128 4.83 3.67 8.89
N LEU A 129 5.65 3.29 9.87
CA LEU A 129 6.69 2.25 9.63
C LEU A 129 6.20 0.95 10.31
N MET A 130 6.00 -0.13 9.54
CA MET A 130 5.42 -1.36 10.06
C MET A 130 6.33 -2.58 9.83
N ASP A 131 6.41 -3.48 10.82
CA ASP A 131 7.14 -4.75 10.67
C ASP A 131 6.35 -5.72 9.77
N ASN A 132 6.95 -6.26 8.70
CA ASN A 132 6.17 -7.02 7.71
C ASN A 132 5.73 -8.38 8.26
N GLN A 133 6.50 -8.90 9.21
CA GLN A 133 6.22 -10.22 9.79
C GLN A 133 5.25 -10.22 10.99
N THR A 134 4.98 -9.06 11.57
CA THR A 134 4.06 -9.02 12.70
C THR A 134 2.89 -8.04 12.58
N GLY A 135 2.97 -7.06 11.67
CA GLY A 135 2.04 -5.92 11.68
C GLY A 135 2.31 -4.88 12.77
N ALA A 136 3.33 -5.07 13.59
CA ALA A 136 3.61 -4.05 14.63
C ALA A 136 4.05 -2.74 14.01
N ILE A 137 3.61 -1.63 14.60
CA ILE A 137 4.02 -0.30 14.13
C ILE A 137 5.20 0.22 14.95
N LEU A 138 6.37 0.35 14.31
CA LEU A 138 7.60 0.68 15.02
C LEU A 138 7.78 2.18 15.24
N GLY A 139 7.20 2.98 14.34
CA GLY A 139 7.19 4.43 14.53
C GLY A 139 6.31 5.08 13.48
N PHE A 140 6.06 6.38 13.63
CA PHE A 140 5.19 7.08 12.68
C PHE A 140 5.43 8.57 12.68
N VAL A 141 4.93 9.23 11.63
CA VAL A 141 4.97 10.70 11.62
C VAL A 141 3.52 11.19 11.56
N GLY A 142 3.07 11.90 12.59
CA GLY A 142 1.68 12.40 12.60
C GLY A 142 1.44 13.66 11.77
N GLY A 143 2.48 14.46 11.59
CA GLY A 143 2.36 15.73 10.86
C GLY A 143 3.65 16.50 11.00
N ARG A 144 3.69 17.73 10.45
CA ARG A 144 4.89 18.59 10.42
C ARG A 144 5.29 19.07 11.81
N ASN A 145 4.29 19.39 12.65
CA ASN A 145 4.54 20.00 13.96
C ASN A 145 3.26 20.08 14.76
N TYR A 146 3.05 19.08 15.61
CA TYR A 146 1.93 19.05 16.55
C TYR A 146 1.59 20.40 17.19
N GLN A 147 2.60 21.16 17.57
CA GLN A 147 2.36 22.42 18.28
C GLN A 147 1.63 23.43 17.40
N GLU A 148 1.79 23.33 16.09
CA GLU A 148 1.11 24.25 15.17
C GLU A 148 -0.16 23.66 14.56
N ASN A 149 -0.23 22.34 14.44
CA ASN A 149 -1.40 21.69 13.85
C ASN A 149 -1.52 20.28 14.42
N GLN A 150 -2.63 20.02 15.11
CA GLN A 150 -2.79 18.75 15.82
C GLN A 150 -3.30 17.59 14.98
N ASN A 151 -3.80 17.83 13.77
CA ASN A 151 -4.39 16.73 13.00
C ASN A 151 -3.42 15.57 12.84
N ASN A 152 -3.89 14.34 13.08
CA ASN A 152 -3.03 13.16 12.98
C ASN A 152 -3.18 12.56 11.61
N HIS A 153 -2.18 12.80 10.77
CA HIS A 153 -2.19 12.37 9.37
C HIS A 153 -1.73 10.94 9.18
N ALA A 154 -1.41 10.25 10.27
CA ALA A 154 -1.00 8.85 10.19
C ALA A 154 -2.15 7.88 10.47
N PHE A 155 -3.03 8.27 11.41
CA PHE A 155 -4.10 7.42 11.92
C PHE A 155 -5.51 8.01 11.72
N ASP A 156 -5.61 9.32 11.50
CA ASP A 156 -6.94 9.96 11.51
C ASP A 156 -7.45 10.41 10.15
N THR A 157 -6.63 11.14 9.40
CA THR A 157 -7.07 11.64 8.08
C THR A 157 -7.27 10.52 7.01
N LYS A 158 -8.43 10.49 6.37
CA LYS A 158 -8.63 9.48 5.34
C LYS A 158 -8.63 10.17 3.99
N ARG A 159 -7.92 9.59 3.02
CA ARG A 159 -7.80 10.21 1.70
C ARG A 159 -7.74 9.13 0.63
N SER A 160 -8.03 9.51 -0.60
CA SER A 160 -7.92 8.51 -1.66
C SER A 160 -6.46 8.02 -1.83
N PRO A 161 -6.23 6.70 -1.96
CA PRO A 161 -4.84 6.21 -2.20
C PRO A 161 -4.42 6.27 -3.70
N ALA A 162 -5.32 6.71 -4.57
CA ALA A 162 -4.96 6.97 -5.96
C ALA A 162 -4.41 5.71 -6.62
N SER A 163 -3.35 5.84 -7.42
CA SER A 163 -2.77 4.69 -8.15
C SER A 163 -2.08 3.64 -7.28
N THR A 164 -1.89 3.89 -5.99
CA THR A 164 -1.34 2.83 -5.15
C THR A 164 -2.36 1.71 -4.87
N THR A 165 -3.58 1.90 -5.38
CA THR A 165 -4.64 0.89 -5.26
C THR A 165 -4.38 -0.20 -6.31
N LYS A 166 -3.70 0.18 -7.40
CA LYS A 166 -3.58 -0.71 -8.57
C LYS A 166 -3.02 -2.12 -8.30
N PRO A 167 -1.87 -2.22 -7.62
CA PRO A 167 -1.27 -3.52 -7.32
C PRO A 167 -2.15 -4.41 -6.47
N LEU A 168 -2.93 -3.81 -5.56
CA LEU A 168 -3.70 -4.58 -4.58
C LEU A 168 -5.01 -5.03 -5.16
N LEU A 169 -5.67 -4.11 -5.85
CA LEU A 169 -7.04 -4.34 -6.19
C LEU A 169 -7.26 -4.78 -7.65
N ALA A 170 -6.35 -4.41 -8.55
CA ALA A 170 -6.48 -4.84 -9.96
C ALA A 170 -5.49 -5.95 -10.31
N TYR A 171 -4.20 -5.60 -10.37
CA TYR A 171 -3.21 -6.52 -10.94
C TYR A 171 -2.96 -7.71 -10.01
N GLY A 172 -2.81 -7.42 -8.73
CA GLY A 172 -2.58 -8.49 -7.76
C GLY A 172 -3.70 -9.52 -7.84
N ILE A 173 -4.95 -9.07 -7.85
CA ILE A 173 -6.06 -10.04 -7.84
C ILE A 173 -6.12 -10.81 -9.15
N ALA A 174 -5.91 -10.12 -10.27
CA ALA A 174 -5.93 -10.77 -11.58
C ALA A 174 -4.87 -11.87 -11.69
N ILE A 175 -3.66 -11.55 -11.24
CA ILE A 175 -2.61 -12.57 -11.20
C ILE A 175 -3.01 -13.77 -10.31
N ASP A 176 -3.49 -13.47 -9.11
CA ASP A 176 -3.96 -14.47 -8.17
C ASP A 176 -5.04 -15.38 -8.74
N GLN A 177 -5.88 -14.83 -9.63
CA GLN A 177 -6.97 -15.60 -10.23
C GLN A 177 -6.52 -16.34 -11.48
N GLY A 178 -5.26 -16.22 -11.85
CA GLY A 178 -4.78 -16.93 -13.04
C GLY A 178 -5.25 -16.28 -14.33
N LEU A 179 -5.42 -14.96 -14.31
CA LEU A 179 -5.97 -14.24 -15.47
C LEU A 179 -4.92 -13.30 -16.10
N MET A 180 -3.72 -13.31 -15.54
CA MET A 180 -2.56 -12.68 -16.19
C MET A 180 -1.28 -13.14 -15.51
N GLY A 181 -0.17 -12.94 -16.20
CA GLY A 181 1.13 -13.11 -15.61
C GLY A 181 2.00 -11.88 -15.82
N SER A 182 3.28 -12.02 -15.50
CA SER A 182 4.19 -10.88 -15.42
C SER A 182 4.46 -10.16 -16.75
N GLU A 183 4.43 -10.89 -17.86
CA GLU A 183 4.63 -10.30 -19.20
C GLU A 183 3.35 -10.28 -20.05
N THR A 184 2.19 -10.42 -19.40
CA THR A 184 0.91 -10.29 -20.10
C THR A 184 0.79 -8.87 -20.73
N ILE A 185 0.13 -8.80 -21.88
CA ILE A 185 -0.06 -7.52 -22.59
C ILE A 185 -1.45 -6.94 -22.26
N LEU A 186 -1.51 -5.61 -22.12
CA LEU A 186 -2.76 -4.90 -21.81
C LEU A 186 -2.97 -3.77 -22.80
N SER A 187 -4.25 -3.42 -23.03
CA SER A 187 -4.56 -2.29 -23.91
C SER A 187 -4.40 -0.97 -23.17
N ASN A 188 -3.61 -0.06 -23.75
CA ASN A 188 -3.65 1.35 -23.40
C ASN A 188 -4.19 2.21 -24.56
N TYR A 189 -4.91 1.62 -25.51
CA TYR A 189 -5.58 2.43 -26.55
C TYR A 189 -6.65 3.37 -25.94
N PRO A 190 -6.93 4.51 -26.56
CA PRO A 190 -8.03 5.37 -26.10
C PRO A 190 -9.35 4.64 -25.82
N THR A 191 -9.96 4.92 -24.67
CA THR A 191 -11.30 4.40 -24.38
C THR A 191 -11.99 5.32 -23.37
N ASN A 192 -13.33 5.24 -23.31
CA ASN A 192 -14.13 6.12 -22.45
C ASN A 192 -14.71 5.41 -21.23
N PHE A 193 -14.86 6.13 -20.12
CA PHE A 193 -15.71 5.69 -19.01
C PHE A 193 -17.19 5.53 -19.46
N ALA A 194 -17.99 4.85 -18.64
CA ALA A 194 -19.43 4.72 -18.90
C ALA A 194 -20.12 6.06 -19.14
N ASN A 195 -19.70 7.09 -18.41
CA ASN A 195 -20.31 8.41 -18.57
C ASN A 195 -19.86 9.10 -19.85
N GLY A 196 -18.91 8.51 -20.56
CA GLY A 196 -18.60 9.01 -21.92
C GLY A 196 -17.29 9.80 -21.96
N ASN A 197 -16.79 10.19 -20.78
CA ASN A 197 -15.47 10.81 -20.66
C ASN A 197 -14.31 9.88 -21.02
N PRO A 198 -13.34 10.43 -21.76
CA PRO A 198 -12.07 9.74 -22.01
C PRO A 198 -11.37 9.40 -20.73
N ILE A 199 -10.78 8.20 -20.67
CA ILE A 199 -9.87 7.88 -19.60
C ILE A 199 -8.49 8.52 -19.87
N MET A 200 -8.06 9.38 -18.96
CA MET A 200 -6.89 10.25 -19.17
C MET A 200 -5.72 9.83 -18.28
N TYR A 201 -4.51 10.07 -18.78
CA TYR A 201 -3.33 9.94 -17.94
C TYR A 201 -2.51 11.19 -18.14
N ALA A 202 -2.55 12.09 -17.15
CA ALA A 202 -2.20 13.50 -17.37
C ALA A 202 -2.91 14.04 -18.61
N ASN A 203 -2.13 14.34 -19.64
CA ASN A 203 -2.70 14.89 -20.86
C ASN A 203 -2.76 13.89 -22.01
N SER A 204 -2.44 12.63 -21.75
CA SER A 204 -2.49 11.61 -22.81
C SER A 204 -3.82 10.86 -22.79
N LYS A 205 -4.47 10.81 -23.95
CA LYS A 205 -5.63 9.95 -24.16
C LYS A 205 -5.25 8.47 -24.37
N GLY A 206 -3.96 8.15 -24.22
CA GLY A 206 -3.47 6.76 -24.33
C GLY A 206 -2.62 6.47 -25.56
N THR A 207 -2.12 5.25 -25.68
CA THR A 207 -1.19 4.92 -26.75
C THR A 207 -1.61 3.65 -27.50
N GLY A 208 -1.01 2.51 -27.15
CA GLY A 208 -1.28 1.25 -27.85
C GLY A 208 -1.13 0.12 -26.86
N MET A 209 -0.69 -1.04 -27.33
CA MET A 209 -0.52 -2.19 -26.42
C MET A 209 0.72 -2.05 -25.56
N MET A 210 0.73 -2.65 -24.38
CA MET A 210 1.90 -2.60 -23.52
C MET A 210 1.97 -3.74 -22.51
N THR A 211 3.18 -4.04 -22.03
CA THR A 211 3.32 -5.06 -20.98
C THR A 211 2.81 -4.50 -19.65
N LEU A 212 2.40 -5.41 -18.77
CA LEU A 212 2.13 -5.14 -17.36
C LEU A 212 3.25 -4.32 -16.67
N GLY A 213 4.49 -4.64 -16.95
CA GLY A 213 5.60 -3.86 -16.35
C GLY A 213 5.58 -2.41 -16.78
N GLU A 214 5.44 -2.16 -18.08
CA GLU A 214 5.32 -0.79 -18.55
C GLU A 214 4.08 -0.06 -17.94
N ALA A 215 2.92 -0.72 -17.91
CA ALA A 215 1.74 -0.17 -17.26
C ALA A 215 1.99 0.22 -15.81
N LEU A 216 2.64 -0.65 -15.05
CA LEU A 216 3.00 -0.28 -13.66
C LEU A 216 4.04 0.84 -13.50
N ASN A 217 5.10 0.75 -14.29
CA ASN A 217 6.21 1.72 -14.15
C ASN A 217 5.73 3.15 -14.44
N TYR A 218 4.87 3.29 -15.45
CA TYR A 218 4.34 4.59 -15.83
C TYR A 218 3.09 4.93 -15.03
N SER A 219 2.46 3.92 -14.45
CA SER A 219 1.15 4.12 -13.79
C SER A 219 0.03 4.53 -14.77
N TRP A 220 0.04 3.97 -15.96
CA TRP A 220 -0.99 4.25 -16.92
C TRP A 220 -2.36 3.85 -16.34
N ASN A 221 -3.43 4.49 -16.79
CA ASN A 221 -4.75 4.23 -16.22
C ASN A 221 -5.61 3.23 -17.01
N ILE A 222 -5.60 3.32 -18.33
CA ILE A 222 -6.45 2.46 -19.15
C ILE A 222 -6.25 0.95 -18.92
N PRO A 223 -5.00 0.49 -18.79
CA PRO A 223 -4.79 -0.92 -18.46
C PRO A 223 -5.42 -1.37 -17.12
N ALA A 224 -5.35 -0.53 -16.09
CA ALA A 224 -5.97 -0.87 -14.79
C ALA A 224 -7.49 -0.89 -14.90
N TYR A 225 -8.02 0.04 -15.71
CA TYR A 225 -9.45 0.06 -15.98
C TYR A 225 -9.89 -1.28 -16.59
N TRP A 226 -9.19 -1.72 -17.63
CA TRP A 226 -9.53 -2.98 -18.28
C TRP A 226 -9.35 -4.19 -17.36
N THR A 227 -8.33 -4.16 -16.50
CA THR A 227 -8.11 -5.28 -15.60
C THR A 227 -9.29 -5.42 -14.62
N TYR A 228 -9.73 -4.30 -14.07
CA TYR A 228 -10.79 -4.35 -13.08
C TYR A 228 -12.12 -4.70 -13.75
N ARG A 229 -12.30 -4.23 -14.98
CA ARG A 229 -13.43 -4.64 -15.79
C ARG A 229 -13.46 -6.16 -15.97
N MET A 230 -12.30 -6.73 -16.31
CA MET A 230 -12.20 -8.18 -16.46
C MET A 230 -12.58 -8.91 -15.16
N LEU A 231 -12.15 -8.39 -14.02
CA LEU A 231 -12.53 -8.99 -12.74
C LEU A 231 -14.05 -8.95 -12.54
N ARG A 232 -14.68 -7.81 -12.81
CA ARG A 232 -16.13 -7.67 -12.68
C ARG A 232 -16.84 -8.67 -13.59
N GLU A 233 -16.42 -8.74 -14.85
CA GLU A 233 -17.05 -9.63 -15.78
C GLU A 233 -16.95 -11.07 -15.37
N ASN A 234 -15.83 -11.43 -14.75
CA ASN A 234 -15.61 -12.82 -14.32
C ASN A 234 -16.25 -13.11 -12.98
N GLY A 235 -16.86 -12.09 -12.37
CA GLY A 235 -17.48 -12.24 -11.05
C GLY A 235 -16.52 -12.59 -9.92
N VAL A 236 -15.33 -12.03 -9.96
CA VAL A 236 -14.32 -12.32 -8.94
C VAL A 236 -14.71 -11.64 -7.64
N ASP A 237 -14.53 -12.33 -6.51
CA ASP A 237 -14.85 -11.78 -5.19
C ASP A 237 -13.74 -10.82 -4.74
N VAL A 238 -13.73 -9.65 -5.35
CA VAL A 238 -12.72 -8.64 -5.01
C VAL A 238 -12.88 -8.21 -3.55
N LYS A 239 -14.14 -8.11 -3.10
CA LYS A 239 -14.42 -7.62 -1.76
C LYS A 239 -13.82 -8.58 -0.73
N GLY A 240 -13.87 -9.86 -1.05
CA GLY A 240 -13.16 -10.88 -0.22
C GLY A 240 -11.70 -10.57 0.10
N TYR A 241 -10.93 -10.19 -0.93
CA TYR A 241 -9.52 -9.86 -0.73
C TYR A 241 -9.36 -8.61 0.13
N MET A 242 -10.11 -7.54 -0.20
CA MET A 242 -9.87 -6.23 0.43
C MET A 242 -10.28 -6.25 1.90
N GLU A 243 -11.37 -6.93 2.21
CA GLU A 243 -11.89 -7.03 3.59
C GLU A 243 -11.01 -7.93 4.45
N LYS A 244 -10.32 -8.88 3.82
CA LYS A 244 -9.33 -9.68 4.57
C LYS A 244 -8.15 -8.81 5.04
N MET A 245 -7.88 -7.71 4.33
CA MET A 245 -6.80 -6.77 4.75
C MET A 245 -7.30 -5.59 5.57
N GLY A 246 -8.59 -5.60 5.87
CA GLY A 246 -9.20 -4.55 6.71
C GLY A 246 -9.72 -3.32 5.98
N TYR A 247 -9.71 -3.31 4.64
CA TYR A 247 -10.25 -2.16 3.91
C TYR A 247 -11.79 -2.10 3.96
N GLU A 248 -12.33 -0.88 4.07
CA GLU A 248 -13.77 -0.63 3.92
C GLU A 248 -14.06 0.21 2.69
N ILE A 249 -14.73 -0.39 1.71
CA ILE A 249 -15.02 0.23 0.44
C ILE A 249 -16.53 0.08 0.26
N PRO A 250 -17.25 1.19 0.06
CA PRO A 250 -18.73 1.12 -0.04
C PRO A 250 -19.29 0.54 -1.35
N GLU A 251 -18.63 0.78 -2.49
CA GLU A 251 -19.22 0.34 -3.76
C GLU A 251 -18.13 -0.28 -4.64
N TYR A 252 -18.23 -1.58 -4.86
CA TYR A 252 -17.24 -2.24 -5.68
C TYR A 252 -17.44 -2.10 -7.20
N GLY A 253 -18.58 -1.54 -7.62
CA GLY A 253 -18.83 -1.34 -9.08
C GLY A 253 -18.22 -0.10 -9.75
N ILE A 254 -17.53 0.74 -8.97
CA ILE A 254 -16.95 1.99 -9.48
C ILE A 254 -15.86 1.67 -10.53
N GLU A 255 -15.99 2.21 -11.74
CA GLU A 255 -14.99 1.91 -12.78
C GLU A 255 -13.58 2.37 -12.47
N SER A 256 -13.44 3.45 -11.69
CA SER A 256 -12.10 3.98 -11.35
C SER A 256 -11.53 3.47 -10.03
N LEU A 257 -12.14 2.45 -9.47
CA LEU A 257 -11.65 1.92 -8.21
C LEU A 257 -10.12 1.69 -8.19
N PRO A 258 -9.54 1.09 -9.24
CA PRO A 258 -8.06 0.93 -9.25
C PRO A 258 -7.32 2.26 -9.27
N MET A 259 -7.95 3.32 -9.76
CA MET A 259 -7.35 4.66 -9.67
C MET A 259 -7.61 5.39 -8.36
N GLY A 260 -8.18 4.69 -7.38
CA GLY A 260 -8.48 5.32 -6.09
C GLY A 260 -9.85 5.97 -6.01
N GLY A 261 -10.65 5.91 -7.09
CA GLY A 261 -12.03 6.37 -7.01
C GLY A 261 -12.86 5.46 -6.10
N GLY A 262 -13.58 6.07 -5.14
CA GLY A 262 -14.54 5.34 -4.31
C GLY A 262 -13.84 4.63 -3.15
N ILE A 263 -12.63 5.04 -2.86
CA ILE A 263 -11.93 4.49 -1.68
C ILE A 263 -11.21 5.62 -0.94
N GLU A 264 -11.30 5.64 0.39
CA GLU A 264 -10.47 6.54 1.21
C GLU A 264 -9.89 5.75 2.37
N VAL A 265 -8.64 6.03 2.73
CA VAL A 265 -7.95 5.19 3.70
C VAL A 265 -7.01 6.07 4.54
N THR A 266 -6.69 5.62 5.75
CA THR A 266 -5.62 6.22 6.53
C THR A 266 -4.26 5.69 6.06
N VAL A 267 -3.20 6.38 6.43
CA VAL A 267 -1.87 5.89 6.06
C VAL A 267 -1.56 4.55 6.79
N ALA A 268 -2.04 4.41 8.01
CA ALA A 268 -1.80 3.18 8.78
C ALA A 268 -2.46 1.99 8.13
N GLN A 269 -3.72 2.17 7.71
CA GLN A 269 -4.45 1.05 7.08
C GLN A 269 -3.78 0.72 5.71
N HIS A 270 -3.45 1.74 4.93
CA HIS A 270 -2.94 1.47 3.60
C HIS A 270 -1.55 0.81 3.64
N THR A 271 -0.75 1.20 4.64
CA THR A 271 0.53 0.53 4.94
C THR A 271 0.30 -0.97 5.21
N ASN A 272 -0.80 -1.31 5.91
CA ASN A 272 -1.15 -2.71 6.15
C ASN A 272 -1.38 -3.49 4.82
N GLY A 273 -1.91 -2.82 3.79
CA GLY A 273 -2.05 -3.50 2.50
C GLY A 273 -0.72 -3.86 1.87
N TYR A 274 0.23 -2.92 1.90
CA TYR A 274 1.54 -3.18 1.32
C TYR A 274 2.33 -4.14 2.20
N GLN A 275 2.11 -4.12 3.52
CA GLN A 275 2.65 -5.20 4.36
C GLN A 275 2.31 -6.60 3.83
N THR A 276 1.06 -6.75 3.36
CA THR A 276 0.57 -8.07 2.99
C THR A 276 1.35 -8.53 1.77
N LEU A 277 1.52 -7.64 0.78
CA LEU A 277 2.25 -8.00 -0.44
C LEU A 277 3.70 -8.31 -0.11
N ALA A 278 4.30 -7.48 0.73
CA ALA A 278 5.72 -7.67 1.09
C ALA A 278 5.96 -8.95 1.89
N ASN A 279 5.01 -9.32 2.73
CA ASN A 279 5.11 -10.54 3.56
C ASN A 279 4.59 -11.75 2.79
N ASN A 280 4.94 -11.82 1.50
CA ASN A 280 4.61 -13.00 0.70
C ASN A 280 3.15 -13.38 0.77
N GLY A 281 2.30 -12.36 0.86
CA GLY A 281 0.84 -12.53 0.70
C GLY A 281 0.11 -12.70 2.03
N VAL A 282 0.88 -12.77 3.13
CA VAL A 282 0.30 -13.04 4.45
C VAL A 282 0.05 -11.76 5.25
N TYR A 283 -1.22 -11.45 5.45
CA TYR A 283 -1.66 -10.31 6.22
C TYR A 283 -1.46 -10.55 7.71
N HIS A 284 -0.93 -9.54 8.42
CA HIS A 284 -1.00 -9.44 9.88
C HIS A 284 -1.62 -8.09 10.24
N GLN A 285 -2.61 -8.11 11.14
CA GLN A 285 -3.34 -6.88 11.46
C GLN A 285 -2.45 -5.83 12.14
N LYS A 286 -2.46 -4.60 11.63
CA LYS A 286 -1.70 -3.50 12.25
C LYS A 286 -2.07 -3.31 13.72
N HIS A 287 -1.11 -2.94 14.54
CA HIS A 287 -1.37 -2.58 15.94
C HIS A 287 -0.24 -1.69 16.49
N VAL A 288 -0.59 -0.85 17.46
CA VAL A 288 0.36 -0.11 18.27
C VAL A 288 0.39 -0.53 19.73
N ILE A 289 -0.62 -1.28 20.20
CA ILE A 289 -0.58 -1.81 21.58
C ILE A 289 -0.31 -3.28 21.51
N SER A 290 0.68 -3.78 22.26
CA SER A 290 0.86 -5.21 22.31
C SER A 290 0.27 -5.85 23.56
N LYS A 291 0.29 -5.14 24.68
CA LYS A 291 -0.22 -5.68 25.93
C LYS A 291 -0.67 -4.55 26.87
N ILE A 292 -1.68 -4.84 27.71
CA ILE A 292 -1.99 -4.01 28.89
C ILE A 292 -2.11 -4.87 30.13
N GLU A 293 -1.31 -4.57 31.15
CA GLU A 293 -1.33 -5.31 32.41
C GLU A 293 -1.75 -4.40 33.56
N ALA A 294 -2.38 -5.00 34.58
CA ALA A 294 -2.72 -4.26 35.78
C ALA A 294 -1.43 -4.20 36.56
N ALA A 295 -1.42 -3.34 37.58
CA ALA A 295 -0.30 -3.23 38.48
C ALA A 295 0.17 -4.57 39.04
N ASP A 296 -0.76 -5.49 39.30
CA ASP A 296 -0.36 -6.78 39.89
C ASP A 296 0.05 -7.82 38.85
N GLY A 297 0.12 -7.41 37.59
CA GLY A 297 0.55 -8.33 36.54
C GLY A 297 -0.55 -8.99 35.73
N ARG A 298 -1.81 -8.83 36.13
CA ARG A 298 -2.94 -9.42 35.37
C ARG A 298 -2.97 -8.88 33.96
N VAL A 299 -2.97 -9.77 32.97
CA VAL A 299 -3.01 -9.30 31.58
C VAL A 299 -4.44 -9.01 31.16
N VAL A 300 -4.80 -7.74 31.03
CA VAL A 300 -6.16 -7.42 30.65
C VAL A 300 -6.41 -7.32 29.16
N TYR A 301 -5.33 -7.16 28.38
CA TYR A 301 -5.36 -7.23 26.92
C TYR A 301 -3.98 -7.62 26.39
N GLU A 302 -3.99 -8.42 25.32
CA GLU A 302 -2.78 -8.83 24.63
C GLU A 302 -3.12 -9.07 23.16
N TYR A 303 -2.34 -8.49 22.26
CA TYR A 303 -2.53 -8.66 20.83
C TYR A 303 -2.51 -10.16 20.53
N GLN A 304 -3.50 -10.61 19.76
CA GLN A 304 -3.53 -11.97 19.28
C GLN A 304 -3.36 -11.97 17.75
N ASP A 305 -2.29 -12.62 17.29
CA ASP A 305 -1.97 -12.65 15.85
C ASP A 305 -2.94 -13.58 15.13
N LYS A 306 -3.48 -13.14 13.99
CA LYS A 306 -4.39 -13.97 13.21
C LYS A 306 -3.97 -13.88 11.75
N PRO A 307 -2.85 -14.53 11.39
CA PRO A 307 -2.30 -14.42 10.02
C PRO A 307 -3.30 -14.90 8.99
N VAL A 308 -3.41 -14.21 7.84
CA VAL A 308 -4.28 -14.67 6.74
C VAL A 308 -3.55 -14.67 5.37
N GLN A 309 -3.63 -15.78 4.62
CA GLN A 309 -3.03 -15.84 3.26
C GLN A 309 -3.99 -15.11 2.31
N VAL A 310 -3.75 -13.84 2.01
CA VAL A 310 -4.70 -13.06 1.18
C VAL A 310 -4.43 -13.32 -0.30
N TYR A 311 -3.16 -13.33 -0.66
CA TYR A 311 -2.71 -13.66 -2.01
C TYR A 311 -1.86 -14.88 -1.86
N SER A 312 -1.85 -15.73 -2.87
CA SER A 312 -0.86 -16.79 -2.94
C SER A 312 0.57 -16.27 -2.85
N LYS A 313 1.48 -17.12 -2.36
CA LYS A 313 2.91 -16.82 -2.35
C LYS A 313 3.44 -16.54 -3.77
N ALA A 314 2.94 -17.28 -4.75
CA ALA A 314 3.31 -17.06 -6.14
C ALA A 314 2.94 -15.64 -6.54
N THR A 315 1.67 -15.29 -6.32
CA THR A 315 1.20 -13.94 -6.64
C THR A 315 2.02 -12.84 -5.96
N ALA A 316 2.20 -12.94 -4.65
CA ALA A 316 2.87 -11.88 -3.90
C ALA A 316 4.29 -11.72 -4.44
N THR A 317 4.97 -12.84 -4.68
CA THR A 317 6.37 -12.77 -5.07
C THR A 317 6.52 -12.26 -6.50
N ILE A 318 5.58 -12.61 -7.39
CA ILE A 318 5.54 -12.03 -8.72
C ILE A 318 5.31 -10.50 -8.66
N MET A 319 4.39 -10.05 -7.80
CA MET A 319 4.21 -8.60 -7.63
C MET A 319 5.44 -7.88 -7.05
N GLN A 320 6.14 -8.53 -6.11
CA GLN A 320 7.36 -7.88 -5.55
C GLN A 320 8.34 -7.54 -6.68
N GLY A 321 8.50 -8.46 -7.62
CA GLY A 321 9.39 -8.27 -8.78
C GLY A 321 8.99 -7.09 -9.65
N LEU A 322 7.69 -6.92 -9.86
CA LEU A 322 7.17 -5.81 -10.67
C LEU A 322 7.38 -4.48 -9.93
N LEU A 323 7.19 -4.49 -8.61
CA LEU A 323 7.29 -3.20 -7.85
C LEU A 323 8.72 -2.79 -7.62
N ARG A 324 9.63 -3.77 -7.69
CA ARG A 324 11.05 -3.45 -7.67
C ARG A 324 11.39 -2.52 -8.85
N GLU A 325 10.89 -2.89 -10.02
CA GLU A 325 11.13 -2.14 -11.26
C GLU A 325 10.44 -0.79 -11.26
N VAL A 326 9.28 -0.68 -10.61
CA VAL A 326 8.64 0.64 -10.44
C VAL A 326 9.63 1.63 -9.87
N LEU A 327 10.25 1.32 -8.73
CA LEU A 327 11.26 2.25 -8.22
C LEU A 327 12.52 2.43 -9.08
N SER A 328 13.08 1.33 -9.62
CA SER A 328 14.34 1.41 -10.38
CA SER A 328 14.35 1.46 -10.35
C SER A 328 14.19 2.15 -11.68
N SER A 329 13.02 2.04 -12.33
CA SER A 329 12.81 2.77 -13.60
C SER A 329 12.76 4.31 -13.41
N ARG A 330 12.55 4.75 -12.18
CA ARG A 330 12.50 6.20 -11.86
C ARG A 330 11.52 7.01 -12.70
N VAL A 331 10.47 6.39 -13.22
CA VAL A 331 9.52 7.13 -14.07
C VAL A 331 8.57 8.02 -13.25
N THR A 332 8.04 7.52 -12.12
CA THR A 332 7.05 8.29 -11.34
C THR A 332 7.59 8.78 -10.00
N THR A 333 8.87 8.49 -9.73
CA THR A 333 9.49 8.90 -8.44
C THR A 333 11.02 8.95 -8.57
N THR A 334 11.64 10.01 -8.02
CA THR A 334 13.09 10.11 -7.94
C THR A 334 13.70 9.38 -6.73
N PHE A 335 12.87 8.63 -5.99
CA PHE A 335 13.32 8.08 -4.68
C PHE A 335 14.70 7.37 -4.75
N LYS A 336 14.87 6.45 -5.70
CA LYS A 336 16.14 5.66 -5.71
C LYS A 336 17.35 6.59 -5.95
N SER A 337 17.19 7.62 -6.78
CA SER A 337 18.28 8.55 -7.09
C SER A 337 18.56 9.36 -5.82
N ASN A 338 17.50 9.79 -5.13
CA ASN A 338 17.64 10.54 -3.84
C ASN A 338 18.38 9.68 -2.82
N LEU A 339 17.95 8.42 -2.71
CA LEU A 339 18.56 7.51 -1.72
C LEU A 339 20.00 7.11 -2.04
N THR A 340 20.29 6.79 -3.30
CA THR A 340 21.62 6.33 -3.68
CA THR A 340 21.63 6.34 -3.67
C THR A 340 22.68 7.39 -3.36
N SER A 341 22.31 8.68 -3.42
CA SER A 341 23.22 9.75 -3.04
C SER A 341 23.41 9.83 -1.56
N LEU A 342 22.29 9.88 -0.84
CA LEU A 342 22.35 10.03 0.61
C LEU A 342 23.04 8.85 1.28
N ASN A 343 22.72 7.65 0.82
CA ASN A 343 23.15 6.45 1.53
C ASN A 343 23.24 5.27 0.53
N PRO A 344 24.34 5.20 -0.21
CA PRO A 344 24.46 4.21 -1.30
C PRO A 344 24.31 2.77 -0.80
N THR A 345 24.90 2.46 0.36
CA THR A 345 24.69 1.10 0.89
C THR A 345 23.23 0.77 1.16
N LEU A 346 22.51 1.69 1.80
CA LEU A 346 21.08 1.45 2.03
C LEU A 346 20.29 1.39 0.72
N ALA A 347 20.66 2.18 -0.29
CA ALA A 347 19.93 2.09 -1.57
C ALA A 347 20.04 0.71 -2.23
N ASN A 348 21.11 -0.03 -1.89
CA ASN A 348 21.32 -1.39 -2.40
C ASN A 348 20.53 -2.47 -1.69
N ALA A 349 19.86 -2.13 -0.59
CA ALA A 349 18.82 -3.02 -0.04
C ALA A 349 17.73 -3.26 -1.10
N ASP A 350 16.91 -4.30 -0.92
CA ASP A 350 15.94 -4.66 -1.95
C ASP A 350 14.63 -3.85 -1.81
N TRP A 351 14.62 -2.60 -2.29
CA TRP A 351 13.45 -1.73 -2.24
C TRP A 351 12.46 -2.05 -3.32
N ILE A 352 11.20 -2.13 -2.93
CA ILE A 352 10.09 -2.15 -3.91
C ILE A 352 9.07 -1.10 -3.50
N GLY A 353 8.23 -0.62 -4.43
CA GLY A 353 7.19 0.30 -4.01
C GLY A 353 6.30 0.77 -5.13
N LYS A 354 5.43 1.73 -4.82
CA LYS A 354 4.45 2.26 -5.78
C LYS A 354 4.07 3.67 -5.38
N THR A 355 3.94 4.55 -6.39
CA THR A 355 3.47 5.92 -6.18
C THR A 355 1.97 6.04 -6.48
N GLY A 356 1.38 7.12 -5.97
CA GLY A 356 0.01 7.53 -6.31
C GLY A 356 -0.20 9.02 -6.38
N THR A 357 -1.07 9.46 -7.31
CA THR A 357 -1.33 10.90 -7.44
C THR A 357 -2.81 11.07 -7.76
N THR A 358 -3.56 11.88 -6.99
CA THR A 358 -4.99 11.98 -7.28
C THR A 358 -5.31 13.11 -8.28
N GLY A 359 -6.60 13.25 -8.55
CA GLY A 359 -7.11 13.95 -9.73
C GLY A 359 -6.65 15.36 -9.94
N GLN A 360 -6.70 16.18 -8.89
CA GLN A 360 -6.23 17.56 -9.03
C GLN A 360 -4.87 17.75 -8.36
N ASP A 361 -4.08 16.67 -8.30
CA ASP A 361 -2.85 16.70 -7.52
C ASP A 361 -3.16 17.08 -6.07
N GLU A 362 -4.26 16.57 -5.54
CA GLU A 362 -4.62 16.81 -4.15
C GLU A 362 -3.91 15.90 -3.12
N ASN A 363 -3.53 14.69 -3.52
CA ASN A 363 -2.88 13.71 -2.63
C ASN A 363 -1.76 13.01 -3.37
N MET A 364 -0.59 12.91 -2.73
CA MET A 364 0.53 12.15 -3.29
C MET A 364 0.89 11.09 -2.28
N TRP A 365 1.09 9.89 -2.77
CA TRP A 365 1.50 8.76 -1.96
C TRP A 365 2.81 8.17 -2.44
N LEU A 366 3.63 7.64 -1.51
CA LEU A 366 4.67 6.70 -1.87
C LEU A 366 4.76 5.61 -0.79
N MET A 367 4.58 4.35 -1.24
CA MET A 367 4.62 3.20 -0.34
C MET A 367 5.90 2.44 -0.69
N LEU A 368 6.69 2.09 0.34
CA LEU A 368 7.98 1.42 0.17
C LEU A 368 8.06 0.18 1.03
N SER A 369 8.71 -0.87 0.52
CA SER A 369 9.06 -2.03 1.39
C SER A 369 10.46 -2.56 1.11
N THR A 370 11.06 -3.17 2.14
CA THR A 370 12.10 -4.15 1.98
C THR A 370 11.49 -5.45 2.53
N PRO A 371 12.22 -6.57 2.48
CA PRO A 371 11.63 -7.79 3.03
C PRO A 371 11.22 -7.68 4.51
N ARG A 372 11.91 -6.86 5.29
CA ARG A 372 11.57 -6.74 6.70
C ARG A 372 10.50 -5.71 7.07
N LEU A 373 10.48 -4.57 6.38
CA LEU A 373 9.66 -3.42 6.80
C LEU A 373 8.88 -2.79 5.65
N THR A 374 7.74 -2.16 5.96
CA THR A 374 6.99 -1.32 5.00
C THR A 374 6.86 0.07 5.58
N LEU A 375 7.05 1.09 4.74
CA LEU A 375 6.89 2.47 5.15
C LEU A 375 5.94 3.12 4.15
N GLY A 376 4.76 3.47 4.66
CA GLY A 376 3.76 4.27 3.91
C GLY A 376 4.00 5.77 4.09
N GLY A 377 3.76 6.54 3.04
CA GLY A 377 3.80 8.02 3.12
C GLY A 377 2.72 8.71 2.27
N TRP A 378 2.10 9.72 2.86
CA TRP A 378 1.11 10.55 2.16
C TRP A 378 1.54 11.98 2.39
N ILE A 379 1.30 12.84 1.39
CA ILE A 379 1.30 14.29 1.58
C ILE A 379 0.10 14.93 0.87
N GLY A 380 -0.27 16.11 1.34
CA GLY A 380 -1.43 16.84 0.84
C GLY A 380 -1.74 18.04 1.71
N HIS A 381 -2.89 18.67 1.47
CA HIS A 381 -3.27 19.84 2.27
C HIS A 381 -4.51 19.48 3.12
N ASP A 382 -4.59 20.00 4.36
CA ASP A 382 -5.76 19.68 5.18
C ASP A 382 -7.08 20.09 4.51
N ASP A 383 -7.08 21.18 3.77
CA ASP A 383 -8.33 21.62 3.15
C ASP A 383 -8.52 21.10 1.72
N ASN A 384 -7.67 20.18 1.29
CA ASN A 384 -7.74 19.47 -0.03
C ASN A 384 -7.44 20.33 -1.25
N HIS A 385 -6.86 21.51 -1.08
CA HIS A 385 -6.36 22.20 -2.27
C HIS A 385 -5.16 21.49 -2.93
N SER A 386 -4.92 21.78 -4.22
CA SER A 386 -3.90 21.06 -5.03
C SER A 386 -2.46 21.32 -4.58
N LEU A 387 -1.63 20.29 -4.68
CA LEU A 387 -0.18 20.37 -4.62
C LEU A 387 0.37 20.71 -6.00
N SER A 388 1.67 20.98 -6.07
CA SER A 388 2.31 21.12 -7.38
C SER A 388 2.36 19.82 -8.17
N GLN A 389 2.57 19.99 -9.47
CA GLN A 389 2.64 18.84 -10.37
C GLN A 389 3.72 17.83 -9.94
N GLN A 390 4.82 18.35 -9.38
CA GLN A 390 6.00 17.55 -9.06
C GLN A 390 6.09 17.14 -7.60
N ALA A 391 5.11 17.54 -6.78
CA ALA A 391 5.14 17.25 -5.34
C ALA A 391 5.44 15.78 -5.04
N GLY A 392 4.75 14.89 -5.74
CA GLY A 392 4.91 13.46 -5.43
C GLY A 392 6.18 12.90 -6.07
N TYR A 393 6.44 13.31 -7.31
CA TYR A 393 7.56 12.79 -8.09
C TYR A 393 8.90 13.10 -7.41
N SER A 394 9.04 14.32 -6.90
CA SER A 394 10.33 14.80 -6.45
C SER A 394 10.30 15.09 -4.93
N ASN A 395 9.49 16.04 -4.48
CA ASN A 395 9.56 16.49 -3.05
C ASN A 395 9.35 15.36 -2.05
N ASN A 396 8.23 14.67 -2.17
CA ASN A 396 7.95 13.54 -1.24
C ASN A 396 9.02 12.43 -1.31
N SER A 397 9.52 12.14 -2.52
CA SER A 397 10.56 11.14 -2.72
C SER A 397 11.82 11.50 -1.98
N ASN A 398 12.22 12.77 -2.10
CA ASN A 398 13.39 13.30 -1.41
C ASN A 398 13.21 13.24 0.14
N TYR A 399 12.07 13.73 0.61
CA TYR A 399 11.76 13.70 2.03
C TYR A 399 11.76 12.25 2.54
N MET A 400 11.18 11.33 1.77
CA MET A 400 11.09 9.95 2.24
C MET A 400 12.45 9.25 2.17
N ALA A 401 13.33 9.70 1.27
CA ALA A 401 14.72 9.17 1.29
C ALA A 401 15.45 9.61 2.60
N HIS A 402 15.31 10.88 2.98
CA HIS A 402 15.82 11.33 4.28
C HIS A 402 15.23 10.54 5.45
N LEU A 403 13.94 10.24 5.38
CA LEU A 403 13.25 9.51 6.46
C LEU A 403 13.83 8.10 6.60
N VAL A 404 14.00 7.39 5.47
CA VAL A 404 14.52 6.04 5.59
C VAL A 404 15.98 6.05 6.03
N ASN A 405 16.75 7.01 5.54
CA ASN A 405 18.14 7.18 6.02
C ASN A 405 18.18 7.38 7.54
N ALA A 406 17.29 8.24 8.06
CA ALA A 406 17.31 8.55 9.50
C ALA A 406 16.98 7.28 10.35
N ILE A 407 16.04 6.49 9.87
CA ILE A 407 15.58 5.27 10.54
C ILE A 407 16.78 4.29 10.56
N GLN A 408 17.49 4.19 9.43
CA GLN A 408 18.62 3.28 9.38
C GLN A 408 19.73 3.77 10.31
N GLN A 409 19.97 5.07 10.36
CA GLN A 409 20.99 5.53 11.29
C GLN A 409 20.68 5.18 12.75
N ALA A 410 19.41 5.21 13.11
CA ALA A 410 19.02 4.96 14.50
C ALA A 410 19.06 3.45 14.78
N SER A 411 18.79 2.64 13.76
CA SER A 411 18.74 1.19 13.94
C SER A 411 19.36 0.43 12.74
N PRO A 412 20.69 0.27 12.71
CA PRO A 412 21.40 -0.03 11.45
C PRO A 412 20.95 -1.28 10.69
N SER A 413 20.47 -2.30 11.39
CA SER A 413 20.00 -3.52 10.75
C SER A 413 18.51 -3.61 10.44
N ILE A 414 17.74 -2.58 10.80
CA ILE A 414 16.29 -2.70 10.79
C ILE A 414 15.68 -2.97 9.42
N TRP A 415 16.26 -2.41 8.36
CA TRP A 415 15.70 -2.63 7.02
C TRP A 415 16.02 -4.02 6.47
N GLY A 416 17.23 -4.50 6.78
CA GLY A 416 17.68 -5.83 6.42
C GLY A 416 18.35 -5.89 5.05
N ASN A 417 19.13 -6.92 4.84
CA ASN A 417 19.77 -7.12 3.55
C ASN A 417 19.23 -8.30 2.73
N GLU A 418 18.09 -8.85 3.12
CA GLU A 418 17.50 -9.98 2.39
C GLU A 418 16.96 -9.47 1.05
N ARG A 419 16.82 -10.37 0.08
CA ARG A 419 16.18 -10.01 -1.17
C ARG A 419 14.79 -10.62 -1.20
N PHE A 420 13.85 -9.99 -1.89
CA PHE A 420 12.62 -10.71 -2.28
C PHE A 420 12.94 -11.71 -3.40
N ALA A 421 12.28 -12.87 -3.42
CA ALA A 421 12.56 -13.86 -4.46
C ALA A 421 11.30 -14.57 -4.87
N LEU A 422 11.22 -15.00 -6.12
CA LEU A 422 10.03 -15.76 -6.56
C LEU A 422 9.86 -17.02 -5.74
N ASP A 423 8.63 -17.29 -5.28
CA ASP A 423 8.31 -18.57 -4.63
C ASP A 423 8.51 -19.75 -5.57
N PRO A 424 8.92 -20.90 -5.04
CA PRO A 424 9.01 -22.14 -5.83
C PRO A 424 7.74 -22.46 -6.65
N SER A 425 6.55 -22.12 -6.15
CA SER A 425 5.30 -22.47 -6.80
C SER A 425 5.03 -21.67 -8.08
N VAL A 426 5.78 -20.60 -8.31
CA VAL A 426 5.56 -19.78 -9.50
C VAL A 426 5.76 -20.59 -10.78
N VAL A 427 4.87 -20.40 -11.75
CA VAL A 427 4.96 -21.13 -13.01
C VAL A 427 5.58 -20.21 -14.07
N LYS A 428 6.57 -20.73 -14.81
CA LYS A 428 7.30 -19.94 -15.81
C LYS A 428 6.92 -20.39 -17.22
N SER A 429 6.33 -19.48 -18.00
CA SER A 429 5.94 -19.79 -19.37
C SER A 429 6.76 -19.01 -20.36
N GLU A 430 7.26 -19.70 -21.38
CA GLU A 430 7.85 -19.02 -22.56
C GLU A 430 6.76 -18.43 -23.44
N VAL A 431 6.75 -17.11 -23.58
CA VAL A 431 5.69 -16.45 -24.35
C VAL A 431 6.23 -15.47 -25.40
N LEU A 432 5.45 -15.22 -26.45
CA LEU A 432 5.80 -14.20 -27.43
C LEU A 432 5.85 -12.85 -26.73
N LYS A 433 6.87 -12.05 -27.04
CA LYS A 433 6.88 -10.67 -26.58
C LYS A 433 5.65 -9.88 -27.00
N SER A 434 5.21 -10.09 -28.25
CA SER A 434 4.20 -9.25 -28.83
C SER A 434 2.82 -9.55 -28.24
N THR A 435 2.58 -10.79 -27.83
CA THR A 435 1.26 -11.14 -27.40
C THR A 435 1.17 -11.46 -25.91
N GLY A 436 2.30 -11.81 -25.30
CA GLY A 436 2.33 -12.25 -23.88
C GLY A 436 1.74 -13.63 -23.67
N GLN A 437 1.51 -14.35 -24.77
CA GLN A 437 1.03 -15.72 -24.74
C GLN A 437 1.89 -16.64 -25.61
N LYS A 438 1.66 -17.94 -25.50
CA LYS A 438 2.48 -18.93 -26.19
C LYS A 438 2.32 -18.85 -27.71
N PRO A 439 3.39 -19.16 -28.46
CA PRO A 439 3.34 -19.10 -29.93
C PRO A 439 2.36 -20.14 -30.47
N GLY A 440 1.70 -19.84 -31.58
CA GLY A 440 0.64 -20.71 -32.11
C GLY A 440 -0.03 -20.17 -33.37
N LYS A 441 -1.10 -20.84 -33.80
CA LYS A 441 -1.87 -20.41 -34.98
C LYS A 441 -2.99 -19.48 -34.55
N VAL A 442 -3.22 -18.41 -35.32
CA VAL A 442 -4.35 -17.51 -35.05
C VAL A 442 -4.98 -17.05 -36.36
N SER A 443 -6.30 -16.86 -36.37
CA SER A 443 -6.96 -16.32 -37.56
C SER A 443 -7.20 -14.82 -37.45
N VAL A 444 -6.86 -14.09 -38.51
CA VAL A 444 -6.75 -12.63 -38.48
C VAL A 444 -7.68 -11.91 -39.47
N GLU A 448 -6.22 -17.62 -41.06
CA GLU A 448 -5.39 -18.39 -40.12
C GLU A 448 -3.90 -18.20 -40.37
N VAL A 449 -3.17 -17.73 -39.36
CA VAL A 449 -1.78 -17.33 -39.54
C VAL A 449 -0.84 -17.85 -38.46
N GLU A 450 0.41 -18.09 -38.84
CA GLU A 450 1.40 -18.63 -37.92
C GLU A 450 2.14 -17.53 -37.17
N VAL A 451 1.97 -17.47 -35.85
CA VAL A 451 2.54 -16.40 -35.02
C VAL A 451 3.78 -16.88 -34.26
N THR A 452 4.93 -16.36 -34.66
CA THR A 452 6.20 -16.67 -34.00
C THR A 452 6.88 -15.32 -33.71
N GLY A 453 8.07 -15.35 -33.12
CA GLY A 453 8.88 -14.14 -32.97
C GLY A 453 9.68 -14.19 -31.69
N SER A 454 10.27 -13.05 -31.31
CA SER A 454 10.93 -12.91 -29.99
C SER A 454 10.07 -13.44 -28.83
N THR A 455 10.70 -14.23 -27.96
CA THR A 455 10.04 -14.73 -26.75
C THR A 455 10.70 -14.29 -25.43
N VAL A 456 9.95 -14.42 -24.34
CA VAL A 456 10.35 -13.94 -23.03
C VAL A 456 9.71 -14.83 -21.97
N THR A 457 10.29 -14.86 -20.78
CA THR A 457 9.71 -15.64 -19.69
C THR A 457 8.69 -14.81 -18.94
N SER A 458 7.52 -15.40 -18.73
CA SER A 458 6.42 -14.74 -18.03
C SER A 458 6.08 -15.58 -16.80
N TYR A 459 5.92 -14.92 -15.65
CA TYR A 459 5.56 -15.61 -14.40
C TYR A 459 4.06 -15.62 -14.12
N TRP A 460 3.57 -16.79 -13.70
CA TRP A 460 2.15 -16.99 -13.46
C TRP A 460 1.93 -17.64 -12.11
N ALA A 461 0.73 -17.48 -11.58
CA ALA A 461 0.36 -17.95 -10.25
C ALA A 461 -0.74 -19.01 -10.35
N ASN A 462 -0.87 -19.62 -11.52
CA ASN A 462 -1.84 -20.70 -11.69
C ASN A 462 -1.10 -22.03 -11.84
N LYS A 463 -1.80 -23.03 -12.37
CA LYS A 463 -1.23 -24.37 -12.51
C LYS A 463 -0.44 -24.51 -13.80
N SER A 464 -1.02 -24.03 -14.90
CA SER A 464 -0.54 -24.41 -16.22
C SER A 464 0.20 -23.29 -16.94
N GLY A 465 0.14 -22.09 -16.37
CA GLY A 465 0.85 -20.95 -16.96
C GLY A 465 0.04 -20.28 -18.05
N ALA A 466 0.74 -19.62 -18.97
CA ALA A 466 0.08 -18.83 -20.01
C ALA A 466 -0.59 -19.72 -21.05
N PRO A 467 -1.72 -19.25 -21.58
CA PRO A 467 -2.45 -19.97 -22.62
C PRO A 467 -1.74 -19.80 -23.97
N ALA A 468 -2.18 -20.57 -24.97
CA ALA A 468 -1.79 -20.32 -26.36
C ALA A 468 -2.28 -18.93 -26.78
N THR A 469 -1.55 -18.27 -27.67
CA THR A 469 -1.98 -16.98 -28.21
C THR A 469 -3.37 -17.08 -28.86
N SER A 470 -4.31 -16.21 -28.48
CA SER A 470 -5.54 -16.08 -29.25
C SER A 470 -5.69 -14.68 -29.85
N TYR A 471 -6.66 -14.51 -30.75
CA TYR A 471 -6.78 -13.24 -31.48
C TYR A 471 -6.84 -12.03 -30.54
N ARG A 472 -7.74 -12.09 -29.57
CA ARG A 472 -7.82 -11.06 -28.53
C ARG A 472 -6.83 -11.37 -27.42
N PHE A 473 -5.55 -11.11 -27.65
CA PHE A 473 -4.50 -11.64 -26.79
C PHE A 473 -4.32 -10.81 -25.52
N ALA A 474 -4.87 -9.62 -25.49
CA ALA A 474 -4.51 -8.64 -24.47
C ALA A 474 -5.63 -8.50 -23.44
N ILE A 475 -5.33 -7.90 -22.28
CA ILE A 475 -6.37 -7.43 -21.35
C ILE A 475 -7.01 -6.14 -21.89
N GLY A 476 -8.26 -6.26 -22.33
CA GLY A 476 -9.02 -5.12 -22.86
C GLY A 476 -8.77 -4.82 -24.34
N GLY A 477 -9.42 -3.77 -24.86
CA GLY A 477 -9.24 -3.38 -26.28
C GLY A 477 -10.49 -3.59 -27.11
N SER A 478 -10.72 -2.69 -28.07
CA SER A 478 -11.79 -2.81 -29.05
C SER A 478 -11.37 -3.56 -30.33
N ASP A 479 -12.35 -3.89 -31.17
CA ASP A 479 -12.07 -4.44 -32.50
C ASP A 479 -11.05 -3.63 -33.32
N ALA A 480 -11.18 -2.30 -33.31
CA ALA A 480 -10.31 -1.44 -34.10
C ALA A 480 -8.87 -1.49 -33.55
N ASP A 481 -8.78 -1.49 -32.21
CA ASP A 481 -7.50 -1.62 -31.53
C ASP A 481 -6.76 -2.88 -31.99
N TYR A 482 -7.46 -4.01 -32.00
CA TYR A 482 -6.83 -5.28 -32.32
C TYR A 482 -6.39 -5.37 -33.80
N GLN A 483 -7.17 -4.74 -34.68
CA GLN A 483 -6.80 -4.69 -36.10
C GLN A 483 -5.49 -3.93 -36.24
N ASN A 484 -5.43 -2.78 -35.58
CA ASN A 484 -4.21 -2.00 -35.52
C ASN A 484 -3.06 -2.84 -34.95
N ALA A 485 -3.33 -3.53 -33.84
CA ALA A 485 -2.30 -4.30 -33.17
C ALA A 485 -1.80 -5.41 -34.08
N TRP A 486 -2.72 -6.21 -34.63
CA TRP A 486 -2.34 -7.32 -35.52
C TRP A 486 -1.72 -6.90 -36.83
N SER A 487 -2.22 -5.83 -37.41
CA SER A 487 -1.57 -5.19 -38.56
C SER A 487 -0.07 -5.14 -38.29
N SER A 488 0.26 -4.68 -37.10
CA SER A 488 1.63 -4.40 -36.71
C SER A 488 2.48 -5.66 -36.46
N ILE A 489 1.92 -6.61 -35.71
CA ILE A 489 2.55 -7.91 -35.48
C ILE A 489 2.78 -8.73 -36.76
N VAL A 490 1.76 -8.80 -37.61
CA VAL A 490 1.83 -9.55 -38.86
C VAL A 490 2.83 -8.91 -39.82
N GLY A 491 2.81 -7.59 -39.91
CA GLY A 491 3.85 -6.84 -40.63
C GLY A 491 5.29 -7.21 -40.25
N SER A 492 5.46 -8.05 -39.22
CA SER A 492 6.78 -8.30 -38.64
C SER A 492 7.29 -9.75 -38.70
N LEU A 493 6.52 -10.54 -39.16
CA LEU A 493 7.02 -11.89 -39.39
C LEU A 493 7.67 -12.01 -40.76
#